data_9CX9
#
_entry.id   9CX9
#
_cell.length_a   1.00
_cell.length_b   1.00
_cell.length_c   1.00
_cell.angle_alpha   90.00
_cell.angle_beta   90.00
_cell.angle_gamma   90.00
#
_symmetry.space_group_name_H-M   'P 1'
#
loop_
_entity.id
_entity.type
_entity.pdbx_description
1 polymer 'Antibody fragment Fab30, heavy chain'
2 polymer 'Antibody fragment Fab30, light chain'
3 polymer 'Vasopressin V2 receptor'
4 polymer Beta-arrestin-1
5 polymer 'Proto-oncogene tyrosine-protein kinase Src'
#
loop_
_entity_poly.entity_id
_entity_poly.type
_entity_poly.pdbx_seq_one_letter_code
_entity_poly.pdbx_strand_id
1 'polypeptide(L)'
;EISEVQLVESGGGLVQPGGSLRLSCAASGFNVYSSSIHWVRQAPGKGLEWVASISSYYGYTYYADSVKGRFTISADTSKN
TAYLQMNSLRAEDTAVYYCARSRQFWYSGLDYWGQGTLVTVSSASTKGPSVFPLAPSSKSTSGGTAALGCLVKDYFPEPV
TVSWNSGALTSGVHTFPAVLQSSGLYSLSSVVTVPSSSLGTQTYICNVNHKPSNTKVDKKVEPKSCDKTHHHHHHHH
;
H
2 'polypeptide(L)'
;SDIQMTQSPSSLSASVGDRVTITCRASQSVSSAVAWYQQKPGKAPKLLIYSASSLYSGVPSRFSGSRSGTDFTLTISSLQ
PEDFATYYCQQYKYVPVTFGQGTKVEIKRTVAAPSVFIFPPSDSQLKSGTASVVCLLNNFYPREAKVQWKVDNALQSGNS
QESVTEQDSKDSTYSLSSTLTLSKADYEKHKVYACEVTHQGLSSPVTKSFNRGEC
;
L
3 'polypeptide(L)' ARGR(TPO)PP(SEP)LGPQDE(SEP)C(TPO)(TPO)A(SEP)(SEP)(SEP)LAKDTSS V
4 'polypeptide(L)'
;GDKGTRVFKKASPNGKLTVYLGKRDFVDHIDLVDPVDGVVLVDPEYLKERRVYVTLTVAFRYGREDLDVLGLTFRKDLFV
ANVQSFPPAPCDKKPLTRLQERLIKKLGEHAYPFTFEIPPNLPSSVTLQPGPEDTGKALGVDYEVKAFVAENLEEKIHKR
NSVRLVIRKVQYAPERPGPQPTAETTRQFLMSDKPLHLEASLDKEIYYHGEPISVNVHVTNNTNKTVKKIKISVRQYADI
VLFNTAQYKVPVAMEEADDTVAPSSTFSKVYTLTPFLANNREKRGLALDGKLKHEDTNLASSTLLREGANREILGIIVSY
KVKVKLVVSRGGLLGDLASSDVAVELPFTLMHPKPKEEPPHREVPESETPVDTNLIELDTNDDDIVFEDFAR
;
A
5 'polypeptide(L)'
;MGSSHHHHHHDYDIPTTENLYFQGHMVTTFVALYDYESCTETDLSFKKGERLQIVNNTEGDWWLAHSLTTGQTGYIPSNY
VAPSD
;
B
#
# COMPACT_ATOMS: atom_id res chain seq x y z
N VAL A 5 0.40 -14.35 19.66
CA VAL A 5 1.58 -14.97 20.27
C VAL A 5 1.74 -16.40 19.78
N GLN A 6 0.65 -17.14 19.78
CA GLN A 6 0.68 -18.54 19.40
C GLN A 6 -0.71 -18.97 18.97
N LEU A 7 -0.77 -20.09 18.24
CA LEU A 7 -2.02 -20.68 17.79
C LEU A 7 -2.08 -22.13 18.24
N VAL A 8 -3.26 -22.56 18.70
CA VAL A 8 -3.48 -23.93 19.13
C VAL A 8 -4.74 -24.43 18.44
N GLU A 9 -4.61 -25.54 17.71
CA GLU A 9 -5.75 -26.19 17.08
C GLU A 9 -6.21 -27.34 17.97
N SER A 10 -7.45 -27.28 18.42
CA SER A 10 -8.02 -28.28 19.31
C SER A 10 -8.83 -29.32 18.57
N GLY A 11 -8.83 -29.29 17.24
CA GLY A 11 -9.62 -30.21 16.45
C GLY A 11 -8.94 -31.55 16.26
N GLY A 12 -9.66 -32.44 15.57
CA GLY A 12 -9.20 -33.78 15.29
C GLY A 12 -10.37 -34.67 14.96
N GLY A 13 -10.14 -35.80 14.29
CA GLY A 13 -11.24 -36.67 13.92
C GLY A 13 -10.76 -37.99 13.37
N LEU A 14 -11.70 -38.94 13.31
CA LEU A 14 -11.48 -40.24 12.68
C LEU A 14 -12.81 -40.62 12.05
N VAL A 15 -12.94 -40.35 10.76
CA VAL A 15 -14.23 -40.36 10.07
C VAL A 15 -14.23 -41.47 9.02
N GLN A 16 -15.29 -42.25 9.00
CA GLN A 16 -15.50 -43.19 7.92
C GLN A 16 -15.69 -42.41 6.61
N PRO A 17 -15.17 -42.91 5.48
CA PRO A 17 -15.23 -42.13 4.23
C PRO A 17 -16.64 -41.71 3.83
N GLY A 18 -16.88 -40.41 3.83
CA GLY A 18 -18.18 -39.88 3.42
C GLY A 18 -19.04 -39.41 4.57
N GLY A 19 -18.43 -38.83 5.61
CA GLY A 19 -19.17 -38.38 6.76
C GLY A 19 -19.08 -36.89 7.01
N SER A 20 -18.57 -36.51 8.19
CA SER A 20 -18.46 -35.11 8.57
C SER A 20 -17.43 -35.00 9.68
N LEU A 21 -16.99 -33.77 9.93
CA LEU A 21 -15.95 -33.50 10.92
C LEU A 21 -16.01 -32.01 11.24
N ARG A 22 -15.14 -31.57 12.15
CA ARG A 22 -15.10 -30.17 12.57
C ARG A 22 -13.74 -29.86 13.19
N LEU A 23 -13.09 -28.80 12.71
CA LEU A 23 -11.80 -28.37 13.20
C LEU A 23 -11.89 -26.99 13.83
N SER A 24 -11.27 -26.84 15.00
CA SER A 24 -11.22 -25.57 15.72
C SER A 24 -9.76 -25.17 15.88
N CYS A 25 -9.52 -23.86 15.93
CA CYS A 25 -8.17 -23.31 16.01
C CYS A 25 -8.20 -22.07 16.91
N ALA A 26 -7.79 -22.24 18.17
CA ALA A 26 -7.74 -21.15 19.12
C ALA A 26 -6.48 -20.32 18.90
N ALA A 27 -6.63 -19.00 18.94
CA ALA A 27 -5.51 -18.08 18.73
C ALA A 27 -5.47 -17.10 19.89
N SER A 28 -4.32 -17.01 20.55
CA SER A 28 -4.12 -16.11 21.69
C SER A 28 -2.96 -15.18 21.40
N GLY A 29 -3.20 -13.87 21.53
CA GLY A 29 -2.12 -12.91 21.37
C GLY A 29 -2.45 -11.76 20.43
N PHE A 30 -3.21 -12.04 19.37
CA PHE A 30 -3.52 -11.05 18.35
C PHE A 30 -5.01 -11.07 18.05
N ASN A 31 -5.52 -9.92 17.59
CA ASN A 31 -6.92 -9.81 17.23
C ASN A 31 -7.20 -10.55 15.93
N VAL A 32 -8.49 -10.79 15.67
CA VAL A 32 -8.90 -11.49 14.47
C VAL A 32 -9.20 -10.55 13.31
N TYR A 33 -9.37 -9.25 13.57
CA TYR A 33 -9.56 -8.28 12.51
C TYR A 33 -8.25 -7.69 12.00
N SER A 34 -7.19 -7.75 12.80
CA SER A 34 -5.87 -7.30 12.37
C SER A 34 -5.05 -8.41 11.74
N SER A 35 -5.60 -9.62 11.63
CA SER A 35 -4.90 -10.75 11.05
C SER A 35 -5.85 -11.55 10.17
N SER A 36 -5.27 -12.38 9.31
CA SER A 36 -6.01 -13.28 8.46
C SER A 36 -5.65 -14.73 8.79
N ILE A 37 -6.67 -15.56 8.93
CA ILE A 37 -6.50 -16.94 9.36
C ILE A 37 -6.62 -17.85 8.15
N HIS A 38 -5.65 -18.75 7.98
CA HIS A 38 -5.61 -19.67 6.85
C HIS A 38 -5.49 -21.09 7.38
N TRP A 39 -5.95 -22.04 6.58
CA TRP A 39 -5.78 -23.46 6.86
C TRP A 39 -4.92 -24.09 5.77
N VAL A 40 -3.85 -24.76 6.18
CA VAL A 40 -2.92 -25.40 5.27
C VAL A 40 -2.93 -26.90 5.55
N ARG A 41 -2.94 -27.71 4.49
CA ARG A 41 -3.11 -29.14 4.58
C ARG A 41 -1.91 -29.84 3.94
N GLN A 42 -1.28 -30.75 4.70
CA GLN A 42 -0.10 -31.48 4.24
C GLN A 42 -0.41 -32.96 4.25
N ALA A 43 -0.56 -33.55 3.06
CA ALA A 43 -0.68 -34.99 2.93
C ALA A 43 0.64 -35.65 3.37
N PRO A 44 0.58 -36.91 3.81
CA PRO A 44 1.82 -37.57 4.28
C PRO A 44 2.84 -37.68 3.15
N GLY A 45 3.97 -37.00 3.33
CA GLY A 45 5.05 -37.03 2.36
C GLY A 45 4.89 -36.10 1.19
N LYS A 46 3.78 -35.37 1.10
CA LYS A 46 3.52 -34.44 0.01
C LYS A 46 3.65 -33.00 0.51
N GLY A 47 3.61 -32.08 -0.45
CA GLY A 47 3.76 -30.67 -0.14
C GLY A 47 2.56 -30.10 0.57
N LEU A 48 2.71 -28.83 0.96
CA LEU A 48 1.68 -28.11 1.69
C LEU A 48 0.66 -27.56 0.70
N GLU A 49 -0.55 -28.11 0.72
CA GLU A 49 -1.63 -27.67 -0.13
C GLU A 49 -2.54 -26.71 0.62
N TRP A 50 -2.85 -25.59 -0.04
CA TRP A 50 -3.60 -24.51 0.59
C TRP A 50 -5.08 -24.82 0.62
N VAL A 51 -5.71 -24.50 1.75
CA VAL A 51 -7.13 -24.75 1.98
C VAL A 51 -7.76 -23.43 2.45
N ALA A 52 -9.04 -23.49 2.79
CA ALA A 52 -9.88 -22.32 3.02
C ALA A 52 -9.19 -21.27 3.88
N SER A 53 -9.43 -20.01 3.54
CA SER A 53 -8.86 -18.86 4.22
C SER A 53 -9.95 -17.83 4.43
N ILE A 54 -9.84 -17.05 5.51
CA ILE A 54 -10.85 -16.07 5.87
C ILE A 54 -10.17 -14.76 6.26
N SER A 55 -10.72 -13.65 5.77
CA SER A 55 -10.29 -12.30 6.16
C SER A 55 -11.49 -11.66 6.86
N SER A 56 -11.47 -11.70 8.19
CA SER A 56 -12.62 -11.23 8.97
C SER A 56 -12.84 -9.73 8.86
N TYR A 57 -11.82 -8.95 8.48
CA TYR A 57 -12.00 -7.51 8.33
C TYR A 57 -12.89 -7.20 7.13
N TYR A 58 -12.75 -7.97 6.04
CA TYR A 58 -13.57 -7.78 4.86
C TYR A 58 -14.77 -8.71 4.81
N GLY A 59 -14.67 -9.91 5.38
CA GLY A 59 -15.81 -10.80 5.50
C GLY A 59 -15.93 -11.89 4.45
N TYR A 60 -15.06 -11.90 3.44
CA TYR A 60 -15.17 -12.93 2.42
C TYR A 60 -14.16 -14.06 2.66
N THR A 61 -14.43 -15.20 2.04
CA THR A 61 -13.63 -16.39 2.22
C THR A 61 -13.26 -16.98 0.86
N TYR A 62 -12.03 -17.50 0.76
CA TYR A 62 -11.58 -18.22 -0.42
C TYR A 62 -11.54 -19.70 -0.11
N TYR A 63 -11.70 -20.52 -1.14
CA TYR A 63 -11.74 -21.97 -1.03
C TYR A 63 -10.83 -22.60 -2.07
N ALA A 64 -10.26 -23.75 -1.74
CA ALA A 64 -9.52 -24.52 -2.72
C ALA A 64 -10.47 -25.21 -3.68
N ASP A 65 -9.94 -25.60 -4.85
CA ASP A 65 -10.78 -26.25 -5.85
C ASP A 65 -11.27 -27.61 -5.37
N SER A 66 -10.42 -28.36 -4.66
CA SER A 66 -10.81 -29.69 -4.22
C SER A 66 -11.74 -29.63 -3.02
N VAL A 67 -11.89 -28.46 -2.39
CA VAL A 67 -12.70 -28.38 -1.17
C VAL A 67 -13.88 -27.43 -1.36
N LYS A 68 -14.00 -26.80 -2.52
CA LYS A 68 -15.04 -25.78 -2.73
C LYS A 68 -16.44 -26.35 -2.55
N GLY A 69 -16.63 -27.63 -2.85
CA GLY A 69 -17.94 -28.25 -2.75
C GLY A 69 -18.28 -28.84 -1.41
N ARG A 70 -17.33 -28.97 -0.49
CA ARG A 70 -17.62 -29.65 0.76
C ARG A 70 -17.21 -28.87 2.00
N PHE A 71 -16.07 -28.18 1.97
CA PHE A 71 -15.58 -27.53 3.16
C PHE A 71 -16.29 -26.19 3.39
N THR A 72 -16.31 -25.75 4.65
CA THR A 72 -16.92 -24.49 5.05
C THR A 72 -16.13 -23.92 6.22
N ILE A 73 -15.59 -22.73 6.04
CA ILE A 73 -14.76 -22.07 7.05
C ILE A 73 -15.56 -20.99 7.73
N SER A 74 -15.30 -20.80 9.02
CA SER A 74 -15.93 -19.74 9.80
C SER A 74 -14.98 -19.33 10.92
N ALA A 75 -15.21 -18.15 11.47
CA ALA A 75 -14.40 -17.62 12.56
C ALA A 75 -15.31 -17.12 13.68
N ASP A 76 -14.82 -17.23 14.91
CA ASP A 76 -15.55 -16.78 16.09
C ASP A 76 -14.85 -15.55 16.64
N THR A 77 -15.47 -14.38 16.43
CA THR A 77 -14.87 -13.12 16.85
C THR A 77 -14.87 -12.93 18.37
N SER A 78 -15.71 -13.67 19.09
CA SER A 78 -15.80 -13.50 20.54
C SER A 78 -14.61 -14.12 21.28
N LYS A 79 -13.93 -15.10 20.68
CA LYS A 79 -12.83 -15.77 21.38
C LYS A 79 -11.61 -15.99 20.49
N ASN A 80 -11.54 -15.36 19.31
CA ASN A 80 -10.37 -15.42 18.44
C ASN A 80 -10.05 -16.87 18.04
N THR A 81 -11.05 -17.54 17.48
CA THR A 81 -10.91 -18.92 17.02
C THR A 81 -11.46 -19.05 15.61
N ALA A 82 -10.89 -19.99 14.87
CA ALA A 82 -11.29 -20.28 13.51
C ALA A 82 -11.86 -21.69 13.42
N TYR A 83 -12.98 -21.83 12.71
CA TYR A 83 -13.70 -23.09 12.57
C TYR A 83 -13.66 -23.55 11.12
N LEU A 84 -13.36 -24.82 10.91
CA LEU A 84 -13.29 -25.43 9.57
C LEU A 84 -14.12 -26.71 9.57
N GLN A 85 -15.41 -26.58 9.28
CA GLN A 85 -16.27 -27.75 9.13
C GLN A 85 -15.87 -28.53 7.89
N MET A 86 -15.86 -29.85 8.00
CA MET A 86 -15.42 -30.72 6.91
C MET A 86 -16.45 -31.79 6.62
N ASN A 87 -16.40 -32.29 5.38
CA ASN A 87 -17.12 -33.47 4.92
C ASN A 87 -16.16 -34.38 4.17
N SER A 88 -15.04 -34.67 4.80
CA SER A 88 -13.87 -35.25 4.14
C SER A 88 -14.20 -36.62 3.53
N LEU A 89 -13.35 -37.02 2.60
CA LEU A 89 -13.43 -38.30 1.89
C LEU A 89 -12.10 -39.03 2.03
N ARG A 90 -11.94 -40.09 1.23
CA ARG A 90 -10.74 -40.92 1.34
C ARG A 90 -9.48 -40.14 0.97
N ALA A 91 -9.55 -39.29 -0.06
CA ALA A 91 -8.37 -38.57 -0.52
C ALA A 91 -7.84 -37.59 0.51
N GLU A 92 -8.69 -37.09 1.40
CA GLU A 92 -8.28 -36.17 2.46
C GLU A 92 -8.15 -36.86 3.80
N ASP A 93 -8.31 -38.18 3.86
CA ASP A 93 -8.36 -38.94 5.11
C ASP A 93 -6.98 -39.29 5.66
N THR A 94 -5.90 -38.65 5.20
CA THR A 94 -4.58 -38.95 5.71
C THR A 94 -3.75 -37.72 6.08
N ALA A 95 -4.28 -36.52 5.86
CA ALA A 95 -3.47 -35.31 5.94
C ALA A 95 -3.47 -34.71 7.33
N VAL A 96 -2.52 -33.80 7.55
CA VAL A 96 -2.38 -33.04 8.80
C VAL A 96 -2.69 -31.59 8.49
N TYR A 97 -3.67 -31.02 9.18
CA TYR A 97 -4.17 -29.69 8.90
C TYR A 97 -3.55 -28.70 9.88
N TYR A 98 -2.85 -27.69 9.34
CA TYR A 98 -2.27 -26.63 10.15
C TYR A 98 -3.19 -25.43 10.19
N CYS A 99 -2.88 -24.51 11.10
CA CYS A 99 -3.61 -23.26 11.26
C CYS A 99 -2.61 -22.15 11.45
N ALA A 100 -2.40 -21.34 10.41
CA ALA A 100 -1.37 -20.31 10.41
C ALA A 100 -2.00 -18.95 10.17
N ARG A 101 -1.28 -17.91 10.61
CA ARG A 101 -1.80 -16.55 10.63
C ARG A 101 -0.92 -15.65 9.76
N SER A 102 -1.56 -14.72 9.06
CA SER A 102 -0.87 -13.73 8.25
C SER A 102 -1.44 -12.35 8.57
N ARG A 103 -0.61 -11.32 8.33
CA ARG A 103 -1.03 -9.96 8.61
C ARG A 103 -2.16 -9.55 7.66
N GLN A 104 -3.18 -8.91 8.23
CA GLN A 104 -4.36 -8.54 7.45
C GLN A 104 -4.02 -7.47 6.41
N PHE A 105 -3.19 -6.50 6.79
CA PHE A 105 -2.94 -5.32 5.96
C PHE A 105 -1.55 -5.41 5.33
N TRP A 106 -1.52 -5.42 4.00
CA TRP A 106 -0.28 -5.34 3.23
C TRP A 106 0.67 -6.50 3.52
N TYR A 107 0.11 -7.71 3.54
CA TYR A 107 0.90 -8.94 3.58
C TYR A 107 -0.05 -10.12 3.41
N SER A 108 0.50 -11.21 2.85
CA SER A 108 -0.23 -12.47 2.76
C SER A 108 0.64 -13.67 3.12
N GLY A 109 1.89 -13.44 3.52
CA GLY A 109 2.75 -14.52 3.97
C GLY A 109 2.46 -14.88 5.43
N LEU A 110 2.61 -16.17 5.73
CA LEU A 110 2.16 -16.73 6.99
C LEU A 110 3.37 -16.83 7.93
N ASP A 111 3.28 -16.14 9.08
CA ASP A 111 4.42 -16.03 9.99
C ASP A 111 4.29 -16.92 11.23
N TYR A 112 3.09 -17.08 11.77
CA TYR A 112 2.86 -17.90 12.95
C TYR A 112 2.07 -19.15 12.55
N TRP A 113 2.50 -20.30 13.07
CA TRP A 113 1.90 -21.59 12.70
C TRP A 113 1.51 -22.35 13.96
N GLY A 114 0.50 -23.22 13.80
CA GLY A 114 0.14 -24.15 14.85
C GLY A 114 0.86 -25.48 14.71
N GLN A 115 0.63 -26.37 15.68
CA GLN A 115 1.29 -27.67 15.65
C GLN A 115 0.70 -28.59 14.59
N GLY A 116 -0.61 -28.49 14.33
CA GLY A 116 -1.25 -29.33 13.34
C GLY A 116 -1.87 -30.58 13.91
N THR A 117 -3.15 -30.81 13.59
CA THR A 117 -3.88 -31.97 14.06
C THR A 117 -4.25 -32.85 12.87
N LEU A 118 -3.88 -34.14 12.95
CA LEU A 118 -4.16 -35.06 11.87
C LEU A 118 -5.65 -35.34 11.74
N VAL A 119 -6.10 -35.54 10.50
CA VAL A 119 -7.48 -35.88 10.19
C VAL A 119 -7.48 -37.18 9.41
N THR A 120 -8.28 -38.15 9.86
CA THR A 120 -8.34 -39.44 9.21
C THR A 120 -9.73 -40.06 9.32
N ILE B 3 -1.47 -21.18 -11.77
CA ILE B 3 -0.06 -20.80 -11.74
C ILE B 3 0.76 -21.89 -11.06
N GLN B 4 1.57 -22.59 -11.85
CA GLN B 4 2.37 -23.71 -11.36
C GLN B 4 3.74 -23.19 -10.95
N MET B 5 4.02 -23.20 -9.65
CA MET B 5 5.33 -22.83 -9.14
C MET B 5 6.20 -24.07 -9.04
N THR B 6 7.34 -24.06 -9.71
CA THR B 6 8.23 -25.21 -9.79
C THR B 6 9.50 -24.95 -9.00
N GLN B 7 9.99 -25.99 -8.32
CA GLN B 7 11.17 -25.89 -7.48
C GLN B 7 12.14 -27.00 -7.84
N SER B 8 13.44 -26.72 -7.66
CA SER B 8 14.47 -27.71 -7.93
C SER B 8 14.36 -28.87 -6.96
N PRO B 9 14.84 -30.07 -7.35
CA PRO B 9 14.71 -31.23 -6.46
C PRO B 9 15.64 -31.16 -5.26
N SER B 10 15.63 -32.21 -4.44
CA SER B 10 16.44 -32.23 -3.22
C SER B 10 17.92 -32.13 -3.56
N SER B 11 18.67 -31.54 -2.64
CA SER B 11 20.10 -31.29 -2.83
C SER B 11 20.88 -31.74 -1.61
N LEU B 12 22.07 -32.28 -1.85
CA LEU B 12 22.98 -32.64 -0.78
C LEU B 12 23.72 -31.40 -0.26
N SER B 13 24.49 -31.59 0.79
CA SER B 13 25.21 -30.49 1.41
C SER B 13 26.33 -31.05 2.28
N ALA B 14 27.07 -30.15 2.92
CA ALA B 14 28.16 -30.51 3.82
C ALA B 14 27.96 -29.83 5.16
N SER B 15 28.51 -30.45 6.21
CA SER B 15 28.38 -29.90 7.56
C SER B 15 29.05 -28.53 7.65
N VAL B 16 30.24 -28.40 7.07
CA VAL B 16 30.92 -27.11 7.04
C VAL B 16 30.17 -26.17 6.10
N GLY B 17 30.07 -24.90 6.51
CA GLY B 17 29.27 -23.94 5.77
C GLY B 17 29.74 -23.80 4.32
N ASP B 18 28.78 -23.75 3.41
CA ASP B 18 29.06 -23.62 1.99
C ASP B 18 27.84 -23.02 1.31
N ARG B 19 28.06 -22.44 0.13
CA ARG B 19 26.98 -21.78 -0.60
C ARG B 19 25.98 -22.81 -1.10
N VAL B 20 24.70 -22.57 -0.82
CA VAL B 20 23.61 -23.43 -1.29
C VAL B 20 22.56 -22.53 -1.92
N THR B 21 22.25 -22.79 -3.19
CA THR B 21 21.27 -22.01 -3.92
C THR B 21 20.08 -22.89 -4.28
N ILE B 22 18.88 -22.44 -3.91
CA ILE B 22 17.63 -23.14 -4.22
C ILE B 22 16.76 -22.17 -5.01
N THR B 23 16.30 -22.60 -6.18
CA THR B 23 15.52 -21.76 -7.06
C THR B 23 14.08 -22.25 -7.16
N CYS B 24 13.17 -21.31 -7.40
CA CYS B 24 11.75 -21.61 -7.60
C CYS B 24 11.30 -20.89 -8.87
N ARG B 25 11.00 -21.67 -9.91
CA ARG B 25 10.69 -21.12 -11.22
C ARG B 25 9.18 -20.93 -11.34
N ALA B 26 8.74 -19.67 -11.37
CA ALA B 26 7.33 -19.38 -11.54
C ALA B 26 6.94 -19.51 -13.01
N SER B 27 5.85 -20.23 -13.27
CA SER B 27 5.35 -20.37 -14.64
C SER B 27 4.67 -19.09 -15.11
N GLN B 28 4.22 -18.24 -14.20
CA GLN B 28 3.61 -16.96 -14.55
C GLN B 28 4.25 -15.86 -13.72
N SER B 29 4.27 -14.66 -14.30
CA SER B 29 4.97 -13.54 -13.66
C SER B 29 4.28 -13.13 -12.37
N VAL B 30 5.08 -12.98 -11.32
CA VAL B 30 4.61 -12.47 -10.03
C VAL B 30 5.56 -11.34 -9.60
N SER B 31 4.98 -10.21 -9.22
CA SER B 31 5.76 -8.99 -8.93
C SER B 31 6.41 -9.12 -7.55
N SER B 32 7.42 -9.99 -7.48
CA SER B 32 8.26 -10.16 -6.29
C SER B 32 7.47 -10.57 -5.06
N ALA B 33 6.31 -11.18 -5.24
CA ALA B 33 5.48 -11.65 -4.13
C ALA B 33 5.74 -13.14 -3.94
N VAL B 34 6.86 -13.43 -3.29
CA VAL B 34 7.30 -14.80 -3.05
C VAL B 34 7.90 -14.88 -1.65
N ALA B 35 7.54 -15.93 -0.91
CA ALA B 35 8.03 -16.15 0.43
C ALA B 35 8.63 -17.55 0.53
N TRP B 36 9.61 -17.69 1.43
CA TRP B 36 10.32 -18.94 1.62
C TRP B 36 10.15 -19.40 3.07
N TYR B 37 10.00 -20.71 3.24
CA TYR B 37 9.77 -21.31 4.55
C TYR B 37 10.82 -22.37 4.84
N GLN B 38 10.82 -22.86 6.07
CA GLN B 38 11.69 -23.95 6.50
C GLN B 38 10.89 -24.86 7.43
N GLN B 39 10.78 -26.13 7.08
CA GLN B 39 10.00 -27.09 7.86
C GLN B 39 10.90 -28.26 8.24
N LYS B 40 11.22 -28.37 9.52
CA LYS B 40 11.90 -29.56 10.01
C LYS B 40 10.91 -30.71 10.12
N PRO B 41 11.38 -31.95 9.99
CA PRO B 41 10.44 -33.10 10.04
C PRO B 41 9.72 -33.17 11.37
N GLY B 42 8.39 -33.31 11.30
CA GLY B 42 7.57 -33.42 12.48
C GLY B 42 7.20 -32.11 13.14
N LYS B 43 7.51 -30.97 12.52
CA LYS B 43 7.22 -29.67 13.10
C LYS B 43 6.64 -28.76 12.02
N ALA B 44 6.06 -27.64 12.48
CA ALA B 44 5.43 -26.69 11.58
C ALA B 44 6.48 -25.88 10.82
N PRO B 45 6.17 -25.46 9.60
CA PRO B 45 7.11 -24.64 8.83
C PRO B 45 7.33 -23.28 9.49
N LYS B 46 8.53 -22.75 9.30
CA LYS B 46 8.90 -21.45 9.84
C LYS B 46 9.11 -20.47 8.69
N LEU B 47 8.46 -19.32 8.77
CA LEU B 47 8.65 -18.28 7.76
C LEU B 47 10.08 -17.75 7.83
N LEU B 48 10.70 -17.61 6.67
CA LEU B 48 12.10 -17.17 6.57
C LEU B 48 12.26 -15.82 5.90
N ILE B 49 11.51 -15.55 4.84
CA ILE B 49 11.68 -14.38 4.02
C ILE B 49 10.37 -13.61 3.96
N TYR B 50 10.40 -12.33 4.33
CA TYR B 50 9.22 -11.49 4.22
C TYR B 50 8.80 -11.35 2.76
N SER B 51 9.73 -10.98 1.90
CA SER B 51 9.52 -10.93 0.46
C SER B 51 10.89 -11.06 -0.19
N ALA B 52 10.90 -11.35 -1.49
CA ALA B 52 12.13 -11.63 -2.22
C ALA B 52 13.23 -10.62 -1.89
N SER B 53 14.32 -11.12 -1.31
CA SER B 53 15.49 -10.39 -0.85
C SER B 53 15.25 -9.62 0.45
N SER B 54 14.13 -9.85 1.14
CA SER B 54 13.83 -9.19 2.41
C SER B 54 13.68 -10.25 3.49
N LEU B 55 14.53 -10.17 4.51
CA LEU B 55 14.51 -11.14 5.59
C LEU B 55 13.32 -10.89 6.53
N TYR B 56 13.22 -11.75 7.55
CA TYR B 56 12.18 -11.68 8.56
C TYR B 56 12.80 -11.54 9.94
N SER B 57 12.03 -10.96 10.86
CA SER B 57 12.49 -10.73 12.22
C SER B 57 12.86 -12.05 12.90
N GLY B 58 14.12 -12.17 13.32
CA GLY B 58 14.62 -13.33 14.00
C GLY B 58 15.40 -14.29 13.13
N VAL B 59 15.24 -14.21 11.82
CA VAL B 59 16.01 -15.08 10.91
C VAL B 59 17.45 -14.60 10.88
N PRO B 60 18.43 -15.50 10.98
CA PRO B 60 19.84 -15.08 10.92
C PRO B 60 20.17 -14.42 9.59
N SER B 61 21.33 -13.75 9.57
CA SER B 61 21.72 -12.96 8.41
C SER B 61 22.25 -13.80 7.26
N ARG B 62 22.47 -15.09 7.46
CA ARG B 62 22.99 -15.93 6.38
C ARG B 62 21.98 -16.05 5.25
N PHE B 63 20.72 -16.31 5.57
CA PHE B 63 19.70 -16.51 4.56
C PHE B 63 19.52 -15.25 3.72
N SER B 64 19.35 -15.45 2.42
CA SER B 64 19.19 -14.34 1.50
C SER B 64 18.35 -14.80 0.33
N GLY B 65 17.74 -13.83 -0.37
CA GLY B 65 16.91 -14.13 -1.51
C GLY B 65 17.20 -13.16 -2.65
N SER B 66 16.67 -13.50 -3.82
CA SER B 66 16.85 -12.67 -5.00
C SER B 66 15.76 -13.00 -6.01
N ARG B 67 15.54 -12.07 -6.93
CA ARG B 67 14.59 -12.24 -8.02
C ARG B 67 15.25 -11.84 -9.32
N SER B 68 15.10 -12.66 -10.36
CA SER B 68 15.59 -12.37 -11.70
C SER B 68 14.42 -12.56 -12.67
N GLY B 69 13.61 -11.51 -12.82
CA GLY B 69 12.42 -11.60 -13.65
C GLY B 69 11.35 -12.47 -13.00
N THR B 70 11.10 -13.63 -13.60
CA THR B 70 10.20 -14.63 -13.05
C THR B 70 10.94 -15.73 -12.30
N ASP B 71 12.24 -15.56 -12.06
CA ASP B 71 13.07 -16.55 -11.42
C ASP B 71 13.45 -16.06 -10.02
N PHE B 72 13.17 -16.87 -9.01
CA PHE B 72 13.49 -16.56 -7.63
C PHE B 72 14.53 -17.53 -7.10
N THR B 73 15.27 -17.09 -6.09
CA THR B 73 16.40 -17.86 -5.58
C THR B 73 16.52 -17.68 -4.07
N LEU B 74 16.80 -18.77 -3.37
CA LEU B 74 17.11 -18.75 -1.95
C LEU B 74 18.55 -19.20 -1.75
N THR B 75 19.28 -18.42 -0.95
CA THR B 75 20.71 -18.65 -0.77
C THR B 75 21.06 -18.70 0.71
N ILE B 76 22.04 -19.53 1.06
CA ILE B 76 22.56 -19.62 2.42
C ILE B 76 24.07 -19.41 2.35
N SER B 77 24.57 -18.39 3.06
CA SER B 77 26.00 -18.09 3.01
C SER B 77 26.84 -19.13 3.73
N SER B 78 26.31 -19.72 4.80
CA SER B 78 27.08 -20.69 5.57
C SER B 78 26.10 -21.66 6.23
N LEU B 79 26.24 -22.94 5.92
CA LEU B 79 25.33 -23.98 6.41
C LEU B 79 25.89 -24.60 7.68
N GLN B 80 25.40 -24.15 8.84
CA GLN B 80 25.67 -24.87 10.08
C GLN B 80 24.69 -26.03 10.20
N PRO B 81 24.99 -27.02 11.05
CA PRO B 81 24.18 -28.25 11.07
C PRO B 81 22.73 -28.07 11.49
N GLU B 82 22.28 -26.84 11.70
CA GLU B 82 20.91 -26.62 12.17
C GLU B 82 19.94 -26.31 11.02
N ASP B 83 20.46 -25.94 9.84
CA ASP B 83 19.62 -25.59 8.70
C ASP B 83 19.21 -26.80 7.86
N PHE B 84 19.50 -28.01 8.34
CA PHE B 84 19.21 -29.23 7.58
C PHE B 84 17.72 -29.54 7.72
N ALA B 85 16.94 -28.95 6.82
CA ALA B 85 15.49 -29.15 6.80
C ALA B 85 15.02 -29.03 5.35
N THR B 86 13.71 -28.86 5.19
CA THR B 86 13.10 -28.72 3.87
C THR B 86 12.52 -27.32 3.73
N TYR B 87 12.62 -26.76 2.52
CA TYR B 87 12.24 -25.39 2.25
C TYR B 87 11.19 -25.35 1.14
N TYR B 88 10.19 -24.48 1.33
CA TYR B 88 9.06 -24.36 0.41
C TYR B 88 9.00 -22.94 -0.13
N CYS B 89 8.75 -22.82 -1.43
CA CYS B 89 8.56 -21.52 -2.08
C CYS B 89 7.08 -21.28 -2.34
N GLN B 90 6.57 -20.15 -1.86
CA GLN B 90 5.16 -19.80 -1.98
C GLN B 90 5.02 -18.42 -2.60
N GLN B 91 4.03 -18.27 -3.48
CA GLN B 91 3.66 -16.99 -4.04
C GLN B 91 2.29 -16.59 -3.52
N TYR B 92 2.14 -15.30 -3.18
CA TYR B 92 0.89 -14.79 -2.61
C TYR B 92 0.36 -13.63 -3.41
N LYS B 93 0.43 -13.72 -4.74
CA LYS B 93 -0.11 -12.68 -5.62
C LYS B 93 -1.53 -12.98 -6.05
N TYR B 94 -1.81 -14.23 -6.41
CA TYR B 94 -3.13 -14.63 -6.88
C TYR B 94 -3.82 -15.48 -5.82
N VAL B 95 -5.14 -15.44 -5.83
CA VAL B 95 -5.96 -16.09 -4.79
C VAL B 95 -5.67 -17.59 -4.67
N PRO B 96 -5.50 -18.37 -5.76
CA PRO B 96 -5.15 -19.79 -5.51
C PRO B 96 -3.68 -19.93 -5.14
N VAL B 97 -3.37 -19.70 -3.87
CA VAL B 97 -2.00 -19.74 -3.40
C VAL B 97 -1.43 -21.14 -3.54
N THR B 98 -0.22 -21.23 -4.09
CA THR B 98 0.45 -22.51 -4.31
C THR B 98 1.81 -22.52 -3.63
N PHE B 99 2.28 -23.72 -3.32
CA PHE B 99 3.59 -23.93 -2.73
C PHE B 99 4.42 -24.81 -3.67
N GLY B 100 5.74 -24.66 -3.59
CA GLY B 100 6.61 -25.51 -4.36
C GLY B 100 6.63 -26.94 -3.84
N GLN B 101 7.23 -27.82 -4.63
CA GLN B 101 7.32 -29.22 -4.23
C GLN B 101 8.18 -29.42 -2.99
N GLY B 102 9.03 -28.45 -2.67
CA GLY B 102 9.87 -28.54 -1.48
C GLY B 102 11.19 -29.24 -1.74
N THR B 103 12.29 -28.58 -1.38
CA THR B 103 13.62 -29.12 -1.53
C THR B 103 14.15 -29.54 -0.17
N LYS B 104 14.58 -30.78 -0.05
CA LYS B 104 15.07 -31.35 1.21
C LYS B 104 16.59 -31.34 1.21
N VAL B 105 17.18 -30.61 2.15
CA VAL B 105 18.62 -30.53 2.31
C VAL B 105 19.06 -31.64 3.25
N GLU B 106 20.18 -32.29 2.92
CA GLU B 106 20.64 -33.44 3.68
C GLU B 106 22.15 -33.33 3.88
N ILE B 107 22.63 -34.04 4.91
CA ILE B 107 24.02 -33.95 5.35
C ILE B 107 24.82 -35.09 4.74
N LYS B 108 25.98 -34.74 4.18
CA LYS B 108 26.93 -35.73 3.68
C LYS B 108 28.31 -35.51 4.29
N ASP C 13 -8.42 3.42 -29.70
CA ASP C 13 -7.30 2.79 -29.03
C ASP C 13 -7.37 3.00 -27.52
N GLU C 14 -7.17 1.92 -26.76
CA GLU C 14 -7.21 1.99 -25.31
C GLU C 14 -5.81 1.87 -24.72
N SEP C 15 -5.67 2.30 -23.47
CA SEP C 15 -4.40 2.27 -22.77
CB SEP C 15 -4.48 3.06 -21.47
OG SEP C 15 -5.53 2.58 -20.66
C SEP C 15 -3.97 0.84 -22.47
O SEP C 15 -4.81 -0.05 -22.29
P SEP C 15 -5.87 3.65 -19.50
O1P SEP C 15 -5.68 5.14 -20.07
O2P SEP C 15 -7.39 3.44 -19.01
O3P SEP C 15 -4.87 3.42 -18.25
N CYS C 16 -2.65 0.62 -22.40
CA CYS C 16 -2.11 -0.70 -22.08
C CYS C 16 -1.89 -0.82 -20.57
N TPO C 17 -1.82 -2.06 -20.09
CA TPO C 17 -1.68 -2.33 -18.67
CB TPO C 17 -1.83 -3.84 -18.37
CG2 TPO C 17 -2.12 -4.10 -16.90
OG1 TPO C 17 -2.88 -4.34 -19.16
P TPO C 17 -2.51 -5.30 -20.53
O1P TPO C 17 -1.67 -6.40 -19.89
O2P TPO C 17 -3.87 -5.75 -21.08
O3P TPO C 17 -1.75 -4.38 -21.48
C TPO C 17 -0.33 -1.85 -18.12
O TPO C 17 0.70 -1.97 -18.79
N TPO C 18 -0.36 -1.31 -16.91
CA TPO C 18 0.86 -0.86 -16.24
CB TPO C 18 0.53 -0.11 -14.94
CG2 TPO C 18 1.79 0.29 -14.18
OG1 TPO C 18 -0.23 1.04 -15.25
P TPO C 18 -1.88 1.12 -14.74
O1P TPO C 18 -1.69 1.20 -13.23
O2P TPO C 18 -2.43 2.38 -15.39
O3P TPO C 18 -2.51 -0.17 -15.25
C TPO C 18 1.77 -2.03 -15.94
O TPO C 18 1.37 -2.99 -15.28
N ALA C 19 3.01 -1.97 -16.44
CA ALA C 19 3.96 -3.06 -16.28
C ALA C 19 5.04 -2.73 -15.26
N SEP C 20 6.18 -3.39 -15.38
CA SEP C 20 7.30 -3.20 -14.47
CB SEP C 20 7.05 -3.91 -13.14
OG SEP C 20 6.65 -5.25 -13.36
C SEP C 20 8.60 -3.70 -15.10
O SEP C 20 8.60 -4.67 -15.85
P SEP C 20 6.96 -6.14 -12.06
O1P SEP C 20 8.53 -6.49 -12.02
O2P SEP C 20 6.56 -5.31 -10.73
O3P SEP C 20 6.11 -7.50 -12.12
N SEP C 21 9.71 -3.04 -14.78
CA SEP C 21 11.01 -3.44 -15.32
CB SEP C 21 11.36 -2.57 -16.53
OG SEP C 21 12.51 -3.07 -17.19
C SEP C 21 12.12 -3.33 -14.27
O SEP C 21 11.95 -2.69 -13.24
P SEP C 21 12.50 -2.57 -18.72
O1P SEP C 21 13.02 -1.04 -18.79
O2P SEP C 21 13.47 -3.50 -19.60
O3P SEP C 21 11.00 -2.65 -19.30
N SEP C 22 13.23 -4.00 -14.54
CA SEP C 22 14.37 -4.00 -13.62
CB SEP C 22 15.33 -5.14 -13.97
OG SEP C 22 15.68 -5.10 -15.35
C SEP C 22 15.10 -2.67 -13.62
O SEP C 22 14.80 -1.78 -14.41
P SEP C 22 16.90 -6.10 -15.64
O1P SEP C 22 16.83 -7.34 -14.63
O2P SEP C 22 16.81 -6.63 -17.16
O3P SEP C 22 18.29 -5.32 -15.44
N LEU C 23 16.08 -2.53 -12.73
CA LEU C 23 16.86 -1.31 -12.60
C LEU C 23 18.36 -1.61 -12.54
N THR D 5 16.12 -3.92 -7.30
CA THR D 5 15.16 -2.82 -7.27
C THR D 5 14.28 -2.84 -8.51
N ARG D 6 12.99 -2.54 -8.34
CA ARG D 6 12.03 -2.56 -9.43
C ARG D 6 11.43 -1.18 -9.60
N VAL D 7 11.07 -0.86 -10.83
CA VAL D 7 10.49 0.44 -11.17
C VAL D 7 9.29 0.23 -12.08
N PHE D 8 8.22 0.97 -11.79
CA PHE D 8 6.99 0.88 -12.56
C PHE D 8 7.13 1.67 -13.85
N LYS D 9 6.36 1.28 -14.86
CA LYS D 9 6.41 1.92 -16.17
C LYS D 9 5.07 1.77 -16.86
N LYS D 10 4.83 2.62 -17.85
CA LYS D 10 3.60 2.57 -18.64
C LYS D 10 3.87 3.24 -19.98
N ALA D 11 3.12 2.81 -21.00
CA ALA D 11 3.32 3.29 -22.36
C ALA D 11 1.99 3.76 -22.94
N SER D 12 2.09 4.63 -23.94
CA SER D 12 0.94 5.10 -24.69
C SER D 12 0.60 4.13 -25.81
N PRO D 13 -0.65 4.12 -26.26
CA PRO D 13 -0.97 3.44 -27.52
C PRO D 13 -0.18 4.05 -28.66
N ASN D 14 0.15 3.22 -29.64
CA ASN D 14 1.06 3.49 -30.76
C ASN D 14 2.52 3.47 -30.33
N GLY D 15 2.81 3.32 -29.04
CA GLY D 15 4.18 3.14 -28.57
C GLY D 15 5.15 4.23 -28.93
N LYS D 16 4.75 5.50 -28.80
CA LYS D 16 5.64 6.60 -29.16
C LYS D 16 6.44 7.12 -27.97
N LEU D 17 5.83 7.18 -26.78
CA LEU D 17 6.55 7.61 -25.59
C LEU D 17 6.11 6.75 -24.41
N THR D 18 7.00 6.64 -23.43
CA THR D 18 6.80 5.76 -22.28
C THR D 18 7.21 6.51 -21.01
N VAL D 19 6.47 6.30 -19.92
CA VAL D 19 6.69 7.01 -18.67
C VAL D 19 7.12 6.01 -17.61
N TYR D 20 8.15 6.38 -16.84
CA TYR D 20 8.67 5.56 -15.76
C TYR D 20 8.46 6.27 -14.42
N LEU D 21 7.98 5.53 -13.43
CA LEU D 21 7.85 6.02 -12.07
C LEU D 21 8.27 4.91 -11.11
N GLY D 22 9.03 5.27 -10.08
CA GLY D 22 9.52 4.27 -9.15
C GLY D 22 8.49 3.79 -8.15
N LYS D 23 7.46 4.59 -7.88
CA LYS D 23 6.41 4.20 -6.94
C LYS D 23 5.20 5.08 -7.19
N ARG D 24 4.04 4.60 -6.71
CA ARG D 24 2.78 5.31 -6.80
C ARG D 24 2.24 5.43 -5.38
N ASP D 25 3.15 5.64 -4.43
CA ASP D 25 2.80 5.84 -3.03
C ASP D 25 3.77 6.83 -2.40
N PHE D 26 3.39 8.10 -2.37
CA PHE D 26 4.26 9.16 -1.91
C PHE D 26 3.88 9.57 -0.49
N VAL D 27 4.79 9.30 0.45
CA VAL D 27 4.58 9.60 1.87
C VAL D 27 4.59 11.10 2.05
N ASP D 28 3.62 11.61 2.81
CA ASP D 28 3.48 13.05 3.05
C ASP D 28 3.94 13.25 4.50
N HIS D 29 5.22 13.60 4.66
CA HIS D 29 5.73 13.96 5.97
C HIS D 29 5.10 15.28 6.42
N ILE D 30 4.94 15.42 7.75
CA ILE D 30 4.24 16.57 8.30
C ILE D 30 4.98 17.88 8.01
N ASP D 31 6.27 17.81 7.69
CA ASP D 31 7.05 19.01 7.37
C ASP D 31 7.29 19.21 5.89
N LEU D 32 7.52 18.13 5.13
CA LEU D 32 7.80 18.27 3.70
C LEU D 32 7.27 17.03 2.98
N VAL D 33 6.52 17.25 1.90
CA VAL D 33 5.99 16.14 1.12
C VAL D 33 7.08 15.59 0.20
N ASP D 34 7.00 14.31 -0.10
CA ASP D 34 7.98 13.68 -0.97
C ASP D 34 7.82 14.20 -2.40
N PRO D 35 8.90 14.26 -3.18
CA PRO D 35 8.78 14.71 -4.57
C PRO D 35 8.47 13.56 -5.52
N VAL D 36 7.96 13.92 -6.69
CA VAL D 36 7.61 12.96 -7.73
C VAL D 36 8.67 13.05 -8.82
N ASP D 37 9.45 11.99 -8.98
CA ASP D 37 10.54 11.95 -9.96
C ASP D 37 10.21 10.92 -11.04
N GLY D 38 10.07 11.39 -12.27
CA GLY D 38 9.76 10.51 -13.38
C GLY D 38 10.69 10.77 -14.55
N VAL D 39 10.84 9.74 -15.38
CA VAL D 39 11.70 9.80 -16.56
C VAL D 39 10.86 9.40 -17.78
N VAL D 40 10.94 10.18 -18.84
CA VAL D 40 10.18 9.96 -20.06
C VAL D 40 11.15 9.55 -21.17
N LEU D 41 10.87 8.43 -21.82
CA LEU D 41 11.62 7.96 -22.97
C LEU D 41 10.80 8.23 -24.22
N VAL D 42 11.37 8.98 -25.16
CA VAL D 42 10.67 9.39 -26.37
C VAL D 42 11.65 9.31 -27.54
N ASP D 43 11.10 9.08 -28.73
CA ASP D 43 11.89 8.99 -29.96
C ASP D 43 11.49 10.12 -30.90
N PRO D 44 12.23 11.22 -30.95
CA PRO D 44 11.89 12.33 -31.86
C PRO D 44 12.37 12.09 -33.29
N GLU D 45 11.72 11.13 -33.97
CA GLU D 45 12.08 10.84 -35.35
C GLU D 45 11.86 12.05 -36.25
N TYR D 46 10.66 12.64 -36.17
CA TYR D 46 10.32 13.83 -36.94
C TYR D 46 9.54 14.81 -36.07
N LEU D 47 9.96 14.95 -34.81
CA LEU D 47 9.29 15.84 -33.87
C LEU D 47 9.83 17.26 -33.99
N LYS D 48 9.69 17.80 -35.21
CA LYS D 48 10.17 19.15 -35.48
C LYS D 48 9.31 20.18 -34.75
N GLU D 49 7.99 20.02 -34.81
CA GLU D 49 7.04 20.97 -34.21
C GLU D 49 6.30 20.32 -33.06
N ARG D 50 6.91 19.32 -32.42
CA ARG D 50 6.29 18.59 -31.33
C ARG D 50 7.13 18.74 -30.06
N ARG D 51 6.44 18.97 -28.95
CA ARG D 51 7.08 19.09 -27.65
C ARG D 51 6.40 18.15 -26.66
N VAL D 52 7.15 17.74 -25.63
CA VAL D 52 6.66 16.80 -24.63
C VAL D 52 6.28 17.58 -23.38
N TYR D 53 5.05 17.42 -22.93
CA TYR D 53 4.56 18.04 -21.71
C TYR D 53 4.10 16.97 -20.73
N VAL D 54 4.62 17.05 -19.50
CA VAL D 54 4.22 16.15 -18.42
C VAL D 54 3.49 16.97 -17.37
N THR D 55 2.32 16.48 -16.96
CA THR D 55 1.47 17.23 -16.04
C THR D 55 1.14 16.37 -14.83
N LEU D 56 0.89 17.05 -13.71
CA LEU D 56 0.42 16.43 -12.48
C LEU D 56 -0.85 17.13 -12.06
N THR D 57 -1.95 16.37 -11.98
CA THR D 57 -3.28 16.93 -11.72
C THR D 57 -3.83 16.35 -10.43
N VAL D 58 -4.28 17.23 -9.54
CA VAL D 58 -5.00 16.86 -8.33
C VAL D 58 -6.45 17.30 -8.51
N ALA D 59 -7.37 16.34 -8.53
CA ALA D 59 -8.75 16.61 -8.88
C ALA D 59 -9.70 16.05 -7.82
N PHE D 60 -10.84 16.73 -7.67
CA PHE D 60 -11.91 16.29 -6.78
C PHE D 60 -13.13 15.98 -7.63
N ARG D 61 -13.66 14.78 -7.48
CA ARG D 61 -14.72 14.28 -8.34
C ARG D 61 -16.08 14.38 -7.65
N TYR D 62 -17.13 14.11 -8.42
CA TYR D 62 -18.49 14.13 -7.90
C TYR D 62 -19.15 12.76 -8.12
N PHE D 74 -18.20 14.95 -13.74
CA PHE D 74 -17.68 16.29 -13.47
C PHE D 74 -16.62 16.26 -12.36
N ARG D 75 -15.62 17.13 -12.47
CA ARG D 75 -14.55 17.19 -11.49
C ARG D 75 -14.01 18.60 -11.41
N LYS D 76 -13.28 18.88 -10.34
CA LYS D 76 -12.74 20.21 -10.07
C LYS D 76 -11.33 20.02 -9.50
N ASP D 77 -10.39 20.84 -9.98
CA ASP D 77 -8.99 20.73 -9.60
C ASP D 77 -8.49 22.04 -9.01
N LEU D 78 -7.56 21.93 -8.05
CA LEU D 78 -6.96 23.09 -7.43
C LEU D 78 -5.43 23.07 -7.48
N PHE D 79 -4.81 22.06 -8.08
CA PHE D 79 -3.36 22.03 -8.23
C PHE D 79 -3.03 21.29 -9.51
N VAL D 80 -2.74 22.05 -10.56
CA VAL D 80 -2.23 21.49 -11.82
C VAL D 80 -0.89 22.11 -12.11
N ALA D 81 -0.04 21.37 -12.82
CA ALA D 81 1.30 21.85 -13.14
C ALA D 81 1.71 21.29 -14.49
N ASN D 82 2.66 21.96 -15.12
CA ASN D 82 3.17 21.56 -16.43
C ASN D 82 4.68 21.65 -16.44
N VAL D 83 5.33 20.58 -16.89
CA VAL D 83 6.78 20.52 -17.00
C VAL D 83 7.13 20.07 -18.41
N GLN D 84 7.96 20.86 -19.09
CA GLN D 84 8.41 20.56 -20.44
C GLN D 84 9.69 19.73 -20.35
N SER D 85 9.66 18.52 -20.91
CA SER D 85 10.77 17.60 -20.80
C SER D 85 11.74 17.64 -21.98
N PHE D 86 11.24 17.89 -23.19
CA PHE D 86 12.09 17.96 -24.36
C PHE D 86 11.48 18.91 -25.36
N PRO D 87 12.24 19.90 -25.86
CA PRO D 87 13.65 20.20 -25.51
C PRO D 87 13.78 20.73 -24.09
N PRO D 88 14.77 20.23 -23.34
CA PRO D 88 14.88 20.61 -21.93
C PRO D 88 15.09 22.11 -21.77
N ALA D 89 14.45 22.67 -20.75
CA ALA D 89 14.58 24.09 -20.48
C ALA D 89 15.97 24.38 -19.94
N PRO D 90 16.63 25.43 -20.43
CA PRO D 90 17.96 25.78 -19.91
C PRO D 90 17.88 26.31 -18.48
N CYS D 91 19.00 26.19 -17.77
CA CYS D 91 19.12 26.68 -16.39
C CYS D 91 18.07 26.04 -15.48
N ASP D 92 17.94 24.72 -15.57
CA ASP D 92 16.97 24.00 -14.76
C ASP D 92 17.65 23.29 -13.59
N LYS D 93 16.83 22.60 -12.79
CA LYS D 93 17.33 21.94 -11.60
C LYS D 93 17.98 20.61 -11.94
N LYS D 94 18.86 20.14 -11.05
CA LYS D 94 19.54 18.88 -11.26
C LYS D 94 18.62 17.71 -10.94
N PRO D 95 18.63 16.65 -11.75
CA PRO D 95 17.86 15.45 -11.40
C PRO D 95 18.45 14.74 -10.19
N LEU D 96 17.59 14.02 -9.47
CA LEU D 96 18.00 13.34 -8.25
C LEU D 96 18.60 11.98 -8.57
N THR D 97 19.60 11.58 -7.77
CA THR D 97 20.36 10.37 -8.07
C THR D 97 19.58 9.10 -7.74
N ARG D 98 18.52 9.21 -6.94
CA ARG D 98 17.77 8.01 -6.55
C ARG D 98 17.16 7.31 -7.76
N LEU D 99 16.48 8.06 -8.62
CA LEU D 99 15.85 7.47 -9.79
C LEU D 99 16.45 8.02 -11.07
N GLN D 100 16.46 9.35 -11.22
CA GLN D 100 16.76 9.98 -12.49
C GLN D 100 18.23 9.90 -12.88
N GLU D 101 19.06 9.14 -12.16
CA GLU D 101 20.38 8.82 -12.65
C GLU D 101 20.46 7.38 -13.14
N ARG D 102 19.95 6.43 -12.36
CA ARG D 102 19.94 5.04 -12.81
C ARG D 102 19.02 4.85 -14.02
N LEU D 103 17.86 5.50 -14.02
CA LEU D 103 16.96 5.41 -15.16
C LEU D 103 17.60 6.00 -16.41
N ILE D 104 18.29 7.13 -16.27
CA ILE D 104 18.96 7.74 -17.41
C ILE D 104 20.13 6.88 -17.88
N LYS D 105 20.84 6.23 -16.95
CA LYS D 105 21.90 5.31 -17.34
C LYS D 105 21.34 4.13 -18.13
N LYS D 106 20.17 3.63 -17.73
CA LYS D 106 19.57 2.50 -18.43
C LYS D 106 19.05 2.92 -19.81
N LEU D 107 18.45 4.11 -19.87
CA LEU D 107 17.92 4.62 -21.16
C LEU D 107 18.88 5.70 -21.69
N GLY D 108 20.19 5.42 -21.67
CA GLY D 108 21.20 6.40 -22.11
C GLY D 108 21.13 6.66 -23.60
N GLU D 109 20.07 7.33 -24.07
CA GLU D 109 19.95 7.68 -25.50
C GLU D 109 18.97 8.85 -25.63
N HIS D 110 17.79 8.74 -25.01
CA HIS D 110 16.78 9.80 -25.05
C HIS D 110 16.00 9.98 -23.76
N ALA D 111 16.51 9.50 -22.63
CA ALA D 111 15.80 9.64 -21.35
C ALA D 111 15.86 11.10 -20.92
N TYR D 112 14.71 11.77 -20.94
CA TYR D 112 14.61 13.16 -20.52
C TYR D 112 13.68 13.27 -19.32
N PRO D 113 14.20 13.60 -18.15
CA PRO D 113 13.43 13.46 -16.91
C PRO D 113 12.50 14.64 -16.66
N PHE D 114 11.60 14.43 -15.70
CA PHE D 114 10.70 15.46 -15.21
C PHE D 114 10.53 15.28 -13.71
N THR D 115 10.17 16.37 -13.03
CA THR D 115 10.01 16.35 -11.58
C THR D 115 8.93 17.33 -11.15
N PHE D 116 8.23 16.99 -10.07
CA PHE D 116 7.21 17.85 -9.49
C PHE D 116 7.37 17.92 -7.98
N GLU D 117 6.86 18.99 -7.39
CA GLU D 117 6.83 19.16 -5.94
C GLU D 117 5.42 19.51 -5.51
N ILE D 118 4.96 18.88 -4.43
CA ILE D 118 3.60 19.02 -3.95
C ILE D 118 3.58 20.04 -2.82
N PRO D 119 2.63 20.97 -2.80
CA PRO D 119 2.53 21.91 -1.68
C PRO D 119 2.23 21.17 -0.39
N PRO D 120 2.66 21.71 0.76
CA PRO D 120 2.54 20.98 2.02
C PRO D 120 1.11 20.85 2.53
N ASN D 121 0.14 21.57 1.95
CA ASN D 121 -1.22 21.60 2.47
C ASN D 121 -2.25 21.03 1.50
N LEU D 122 -1.84 20.07 0.66
CA LEU D 122 -2.81 19.41 -0.20
C LEU D 122 -3.43 18.22 0.52
N PRO D 123 -4.72 17.94 0.28
CA PRO D 123 -5.37 16.82 0.96
C PRO D 123 -4.86 15.48 0.46
N SER D 124 -4.94 14.47 1.32
CA SER D 124 -4.54 13.12 0.95
C SER D 124 -5.58 12.47 0.06
N SER D 125 -5.25 11.30 -0.47
CA SER D 125 -6.11 10.56 -1.38
C SER D 125 -7.11 9.74 -0.57
N VAL D 126 -8.36 10.20 -0.53
CA VAL D 126 -9.43 9.52 0.17
C VAL D 126 -10.63 9.39 -0.77
N THR D 127 -11.16 8.17 -0.88
CA THR D 127 -12.28 7.89 -1.76
C THR D 127 -13.50 7.48 -0.95
N LEU D 128 -14.68 7.82 -1.46
CA LEU D 128 -15.94 7.49 -0.81
C LEU D 128 -16.47 6.16 -1.32
N GLN D 129 -17.40 5.58 -0.56
CA GLN D 129 -18.01 4.31 -0.94
C GLN D 129 -19.19 4.59 -1.85
N PRO D 130 -19.22 4.06 -3.07
CA PRO D 130 -20.29 4.41 -4.01
C PRO D 130 -21.65 3.81 -3.67
N GLY D 131 -21.71 2.55 -3.27
CA GLY D 131 -22.97 1.91 -2.96
C GLY D 131 -23.60 1.25 -4.17
N PRO D 132 -24.90 1.49 -4.38
CA PRO D 132 -25.62 0.79 -5.46
C PRO D 132 -25.43 1.40 -6.84
N GLU D 133 -24.77 2.55 -6.96
CA GLU D 133 -24.61 3.21 -8.24
C GLU D 133 -23.13 3.40 -8.54
N ASP D 134 -22.76 3.17 -9.81
CA ASP D 134 -21.40 3.33 -10.29
C ASP D 134 -21.34 4.44 -11.32
N THR D 135 -20.30 5.27 -11.24
CA THR D 135 -20.09 6.38 -12.15
C THR D 135 -18.71 6.31 -12.78
N GLY D 136 -18.29 5.11 -13.16
CA GLY D 136 -16.95 4.91 -13.69
C GLY D 136 -15.85 4.95 -12.65
N LYS D 137 -15.74 6.06 -11.93
CA LYS D 137 -14.83 6.17 -10.80
C LYS D 137 -15.58 6.81 -9.63
N ALA D 138 -15.34 6.27 -8.43
CA ALA D 138 -16.05 6.73 -7.25
C ALA D 138 -15.59 8.13 -6.85
N LEU D 139 -16.42 8.79 -6.04
CA LEU D 139 -16.09 10.12 -5.55
C LEU D 139 -14.86 10.06 -4.66
N GLY D 140 -14.03 11.10 -4.74
CA GLY D 140 -12.86 11.18 -3.90
C GLY D 140 -11.82 12.11 -4.51
N VAL D 141 -10.63 12.07 -3.92
CA VAL D 141 -9.50 12.89 -4.36
C VAL D 141 -8.41 11.95 -4.85
N ASP D 142 -7.92 12.20 -6.06
CA ASP D 142 -6.92 11.37 -6.68
C ASP D 142 -5.90 12.24 -7.42
N TYR D 143 -4.67 11.74 -7.49
CA TYR D 143 -3.59 12.41 -8.19
C TYR D 143 -3.31 11.66 -9.49
N GLU D 144 -3.27 12.40 -10.60
CA GLU D 144 -3.07 11.80 -11.91
C GLU D 144 -1.85 12.42 -12.57
N VAL D 145 -0.99 11.59 -13.13
CA VAL D 145 0.18 12.02 -13.88
C VAL D 145 -0.08 11.77 -15.35
N LYS D 146 -0.23 12.84 -16.13
CA LYS D 146 -0.50 12.73 -17.55
C LYS D 146 0.66 13.31 -18.35
N ALA D 147 1.26 12.47 -19.18
CA ALA D 147 2.35 12.88 -20.07
C ALA D 147 1.89 12.73 -21.51
N PHE D 148 2.04 13.79 -22.29
CA PHE D 148 1.56 13.81 -23.66
C PHE D 148 2.46 14.68 -24.52
N VAL D 149 2.62 14.28 -25.77
CA VAL D 149 3.36 15.05 -26.76
C VAL D 149 2.36 15.86 -27.57
N ALA D 150 2.71 17.12 -27.86
CA ALA D 150 1.82 18.00 -28.59
C ALA D 150 2.61 19.16 -29.16
N GLU D 151 2.02 19.82 -30.16
CA GLU D 151 2.63 21.01 -30.73
C GLU D 151 2.66 22.16 -29.72
N ASN D 152 1.57 22.33 -28.97
CA ASN D 152 1.47 23.41 -28.00
C ASN D 152 0.68 22.93 -26.80
N LEU D 153 0.89 23.59 -25.66
CA LEU D 153 0.24 23.19 -24.42
C LEU D 153 -1.26 23.42 -24.46
N GLU D 154 -1.71 24.45 -25.17
CA GLU D 154 -3.12 24.84 -25.15
C GLU D 154 -3.97 24.08 -26.15
N GLU D 155 -3.37 23.29 -27.03
CA GLU D 155 -4.14 22.59 -28.05
C GLU D 155 -4.67 21.26 -27.54
N LYS D 156 -5.69 20.75 -28.23
CA LYS D 156 -6.28 19.47 -27.86
C LYS D 156 -5.33 18.33 -28.16
N ILE D 157 -5.34 17.32 -27.30
CA ILE D 157 -4.57 16.10 -27.52
C ILE D 157 -5.50 14.90 -27.28
N HIS D 158 -5.33 13.86 -28.09
CA HIS D 158 -6.18 12.69 -28.03
C HIS D 158 -5.49 11.54 -27.32
N LYS D 159 -6.26 10.48 -27.04
CA LYS D 159 -5.80 9.39 -26.20
C LYS D 159 -4.61 8.64 -26.81
N ARG D 160 -4.44 8.69 -28.13
CA ARG D 160 -3.33 7.99 -28.76
C ARG D 160 -1.99 8.57 -28.35
N ASN D 161 -1.95 9.87 -28.01
CA ASN D 161 -0.69 10.53 -27.77
C ASN D 161 -0.42 10.78 -26.29
N SER D 162 -1.33 10.38 -25.41
CA SER D 162 -1.24 10.72 -23.99
C SER D 162 -1.07 9.47 -23.14
N VAL D 163 -0.19 9.57 -22.14
CA VAL D 163 -0.02 8.56 -21.10
C VAL D 163 -0.61 9.10 -19.81
N ARG D 164 -1.49 8.33 -19.18
CA ARG D 164 -2.09 8.74 -17.92
C ARG D 164 -1.86 7.66 -16.88
N LEU D 165 -1.24 8.05 -15.76
CA LEU D 165 -0.95 7.14 -14.67
C LEU D 165 -1.41 7.77 -13.36
N VAL D 166 -2.07 6.98 -12.53
CA VAL D 166 -2.69 7.48 -11.31
C VAL D 166 -1.80 7.13 -10.13
N ILE D 167 -1.58 8.12 -9.26
CA ILE D 167 -0.78 7.97 -8.05
C ILE D 167 -1.59 8.48 -6.87
N ARG D 168 -1.11 8.21 -5.66
CA ARG D 168 -1.78 8.60 -4.44
C ARG D 168 -0.77 9.10 -3.41
N LYS D 169 -1.25 9.91 -2.48
CA LYS D 169 -0.45 10.46 -1.40
C LYS D 169 -0.97 9.94 -0.07
N VAL D 170 -0.08 9.42 0.77
CA VAL D 170 -0.45 8.82 2.04
C VAL D 170 0.49 9.35 3.13
N GLN D 171 0.09 9.10 4.38
CA GLN D 171 0.91 9.45 5.54
C GLN D 171 0.61 8.46 6.66
N TYR D 172 1.62 8.14 7.46
CA TYR D 172 1.54 7.09 8.46
C TYR D 172 1.48 7.69 9.87
N ALA D 173 1.49 6.79 10.86
CA ALA D 173 1.29 7.18 12.25
C ALA D 173 2.53 7.91 12.79
N PRO D 174 2.34 8.88 13.69
CA PRO D 174 3.47 9.53 14.33
C PRO D 174 4.26 8.55 15.19
N GLU D 175 5.57 8.81 15.32
CA GLU D 175 6.43 7.92 16.09
C GLU D 175 6.13 8.01 17.58
N ARG D 176 5.94 9.23 18.09
CA ARG D 176 5.72 9.39 19.52
C ARG D 176 4.23 9.57 19.83
N PRO D 177 3.68 8.73 20.71
CA PRO D 177 2.26 8.83 21.04
C PRO D 177 1.94 10.12 21.76
N GLY D 178 0.71 10.60 21.57
CA GLY D 178 0.25 11.80 22.21
C GLY D 178 -0.27 11.54 23.62
N PRO D 179 -0.84 12.58 24.22
CA PRO D 179 -1.39 12.44 25.57
C PRO D 179 -2.55 11.46 25.59
N GLN D 180 -2.73 10.80 26.73
CA GLN D 180 -3.79 9.82 26.88
C GLN D 180 -5.16 10.49 26.80
N PRO D 181 -6.04 10.07 25.89
CA PRO D 181 -7.36 10.70 25.79
C PRO D 181 -8.18 10.44 27.04
N THR D 182 -8.97 11.44 27.44
CA THR D 182 -9.86 11.34 28.58
C THR D 182 -10.82 12.52 28.54
N ALA D 183 -12.07 12.26 28.95
CA ALA D 183 -13.09 13.30 28.97
C ALA D 183 -14.16 12.92 29.97
N GLU D 184 -14.48 13.85 30.87
CA GLU D 184 -15.49 13.63 31.89
C GLU D 184 -16.45 14.81 31.95
N THR D 185 -17.71 14.51 32.28
CA THR D 185 -18.74 15.52 32.42
C THR D 185 -19.60 15.18 33.63
N THR D 186 -20.40 16.14 34.07
CA THR D 186 -21.30 15.94 35.19
C THR D 186 -22.73 15.65 34.70
N LYS D 194 -26.52 17.22 43.70
CA LYS D 194 -26.00 15.87 43.62
C LYS D 194 -26.11 15.31 42.21
N PRO D 195 -25.23 15.74 41.32
CA PRO D 195 -25.25 15.24 39.94
C PRO D 195 -24.38 13.99 39.77
N LEU D 196 -24.69 13.24 38.72
CA LEU D 196 -23.92 12.05 38.39
C LEU D 196 -22.65 12.46 37.65
N HIS D 197 -21.59 11.69 37.86
CA HIS D 197 -20.29 11.96 37.25
C HIS D 197 -19.87 10.75 36.43
N LEU D 198 -19.55 10.99 35.15
CA LEU D 198 -19.05 9.97 34.25
C LEU D 198 -17.67 10.38 33.75
N GLU D 199 -16.71 9.46 33.84
CA GLU D 199 -15.35 9.73 33.38
C GLU D 199 -14.95 8.56 32.49
N ALA D 200 -14.44 8.88 31.30
CA ALA D 200 -14.06 7.88 30.32
C ALA D 200 -12.60 8.04 29.92
N SER D 201 -12.02 6.96 29.42
CA SER D 201 -10.64 6.98 28.94
C SER D 201 -10.44 5.83 27.95
N LEU D 202 -9.49 6.02 27.05
CA LEU D 202 -9.09 4.98 26.11
C LEU D 202 -7.72 4.42 26.51
N ASP D 203 -7.27 3.42 25.77
CA ASP D 203 -5.98 2.79 26.08
C ASP D 203 -4.82 3.70 25.71
N LYS D 204 -4.89 4.35 24.55
CA LYS D 204 -3.80 5.19 24.08
C LYS D 204 -4.34 6.20 23.07
N GLU D 205 -3.44 7.06 22.59
CA GLU D 205 -3.85 8.14 21.68
C GLU D 205 -4.02 7.62 20.25
N ILE D 206 -3.10 6.80 19.78
CA ILE D 206 -3.07 6.34 18.40
C ILE D 206 -3.50 4.89 18.36
N TYR D 207 -4.41 4.57 17.44
CA TYR D 207 -4.88 3.20 17.22
C TYR D 207 -4.67 2.82 15.76
N TYR D 208 -4.42 1.54 15.52
CA TYR D 208 -4.27 1.04 14.17
C TYR D 208 -5.60 0.52 13.64
N HIS D 209 -5.58 0.04 12.40
CA HIS D 209 -6.82 -0.27 11.70
C HIS D 209 -7.42 -1.60 12.11
N GLY D 210 -6.73 -2.38 12.94
CA GLY D 210 -7.27 -3.63 13.42
C GLY D 210 -7.26 -3.73 14.93
N GLU D 211 -6.65 -2.75 15.59
CA GLU D 211 -6.54 -2.74 17.03
C GLU D 211 -7.91 -2.57 17.68
N PRO D 212 -8.16 -3.24 18.81
CA PRO D 212 -9.43 -3.06 19.53
C PRO D 212 -9.37 -1.81 20.40
N ILE D 213 -10.40 -0.98 20.30
CA ILE D 213 -10.49 0.28 21.03
C ILE D 213 -11.24 0.00 22.33
N SER D 214 -10.50 -0.04 23.44
CA SER D 214 -11.09 -0.29 24.74
C SER D 214 -11.43 1.03 25.42
N VAL D 215 -12.60 1.08 26.05
CA VAL D 215 -13.07 2.28 26.74
C VAL D 215 -13.26 1.95 28.21
N ASN D 216 -12.67 2.76 29.07
CA ASN D 216 -12.85 2.65 30.51
C ASN D 216 -13.99 3.55 30.93
N VAL D 217 -14.91 3.02 31.75
CA VAL D 217 -16.14 3.72 32.10
C VAL D 217 -16.35 3.64 33.60
N HIS D 218 -16.75 4.77 34.18
CA HIS D 218 -17.11 4.85 35.60
C HIS D 218 -18.25 5.84 35.74
N VAL D 219 -19.36 5.40 36.33
CA VAL D 219 -20.55 6.22 36.50
C VAL D 219 -20.94 6.16 37.97
N THR D 220 -20.48 7.13 38.75
CA THR D 220 -20.90 7.28 40.13
C THR D 220 -22.20 8.07 40.17
N ASN D 221 -23.17 7.59 40.95
CA ASN D 221 -24.51 8.15 40.95
C ASN D 221 -24.88 8.63 42.34
N ASN D 222 -25.56 9.78 42.39
CA ASN D 222 -26.14 10.32 43.62
C ASN D 222 -27.61 10.67 43.51
N THR D 223 -28.18 10.74 42.31
CA THR D 223 -29.57 11.09 42.12
C THR D 223 -30.47 9.88 42.36
N ASN D 224 -31.75 10.00 42.01
CA ASN D 224 -32.67 8.88 42.02
C ASN D 224 -32.91 8.31 40.63
N LYS D 225 -32.43 8.98 39.58
CA LYS D 225 -32.58 8.51 38.21
C LYS D 225 -31.50 7.49 37.91
N THR D 226 -31.91 6.24 37.70
CA THR D 226 -30.98 5.15 37.44
C THR D 226 -30.62 5.10 35.96
N VAL D 227 -29.35 4.81 35.69
CA VAL D 227 -28.90 4.59 34.32
C VAL D 227 -29.47 3.27 33.82
N LYS D 228 -30.11 3.29 32.65
CA LYS D 228 -30.77 2.12 32.10
C LYS D 228 -29.90 1.36 31.10
N LYS D 229 -29.30 2.06 30.15
CA LYS D 229 -28.56 1.43 29.07
C LYS D 229 -27.34 2.27 28.74
N ILE D 230 -26.19 1.61 28.55
CA ILE D 230 -24.95 2.27 28.20
C ILE D 230 -24.68 2.03 26.72
N LYS D 231 -24.55 3.11 25.96
CA LYS D 231 -24.34 3.03 24.51
C LYS D 231 -22.98 3.61 24.17
N ILE D 232 -22.15 2.80 23.49
CA ILE D 232 -20.82 3.21 23.07
C ILE D 232 -20.68 2.95 21.58
N SER D 233 -20.09 3.91 20.86
CA SER D 233 -19.94 3.80 19.42
C SER D 233 -18.70 4.54 18.98
N VAL D 234 -18.13 4.10 17.85
CA VAL D 234 -16.99 4.76 17.21
C VAL D 234 -17.48 5.43 15.94
N ARG D 235 -17.21 6.73 15.81
CA ARG D 235 -17.78 7.54 14.74
C ARG D 235 -16.67 8.14 13.89
N GLN D 236 -16.91 8.15 12.58
CA GLN D 236 -15.98 8.73 11.61
C GLN D 236 -16.49 10.07 11.14
N TYR D 237 -15.68 11.11 11.32
CA TYR D 237 -16.03 12.47 10.91
C TYR D 237 -15.24 12.83 9.66
N ALA D 238 -15.94 13.22 8.61
CA ALA D 238 -15.32 13.58 7.33
C ALA D 238 -15.82 14.97 6.92
N ASP D 239 -15.00 15.99 7.14
CA ASP D 239 -15.35 17.35 6.75
C ASP D 239 -15.03 17.55 5.27
N ILE D 240 -16.00 18.04 4.51
CA ILE D 240 -15.83 18.34 3.10
C ILE D 240 -15.91 19.85 2.93
N VAL D 241 -14.77 20.49 2.70
CA VAL D 241 -14.75 21.95 2.59
C VAL D 241 -15.43 22.41 1.31
N LEU D 242 -15.21 21.68 0.20
CA LEU D 242 -15.79 22.10 -1.07
C LEU D 242 -17.30 21.95 -1.09
N PHE D 243 -17.85 21.02 -0.30
CA PHE D 243 -19.30 20.86 -0.21
C PHE D 243 -19.88 21.84 0.79
N ASN D 244 -19.55 23.13 0.64
CA ASN D 244 -20.04 24.19 1.53
C ASN D 244 -19.73 23.89 2.99
N THR D 245 -18.53 23.36 3.23
CA THR D 245 -18.06 23.03 4.58
C THR D 245 -19.03 22.10 5.30
N ALA D 246 -19.52 21.09 4.58
CA ALA D 246 -20.43 20.11 5.16
C ALA D 246 -19.65 19.07 5.97
N GLN D 247 -20.26 18.63 7.07
CA GLN D 247 -19.67 17.62 7.95
C GLN D 247 -20.59 16.41 7.98
N TYR D 248 -20.08 15.26 7.57
CA TYR D 248 -20.82 14.02 7.57
C TYR D 248 -20.19 13.04 8.55
N LYS D 249 -21.00 12.50 9.45
CA LYS D 249 -20.53 11.57 10.46
C LYS D 249 -21.35 10.28 10.38
N VAL D 250 -20.66 9.15 10.50
CA VAL D 250 -21.31 7.84 10.51
C VAL D 250 -20.72 7.01 11.63
N PRO D 251 -21.53 6.12 12.23
CA PRO D 251 -21.00 5.20 13.25
C PRO D 251 -20.40 3.96 12.61
N VAL D 252 -19.10 3.76 12.81
CA VAL D 252 -18.43 2.60 12.24
C VAL D 252 -18.34 1.43 13.21
N ALA D 253 -18.79 1.60 14.46
CA ALA D 253 -18.78 0.53 15.45
C ALA D 253 -19.97 0.73 16.37
N MET D 254 -20.48 -0.37 16.92
CA MET D 254 -21.66 -0.34 17.77
C MET D 254 -21.46 -1.33 18.91
N GLU D 255 -21.76 -0.88 20.13
CA GLU D 255 -21.64 -1.73 21.31
C GLU D 255 -22.83 -1.49 22.22
N GLU D 256 -23.42 -2.59 22.70
CA GLU D 256 -24.66 -2.50 23.48
C GLU D 256 -24.63 -3.65 24.49
N ALA D 257 -24.38 -3.32 25.76
CA ALA D 257 -24.15 -4.33 26.80
C ALA D 257 -25.30 -4.30 27.80
N ASP D 258 -26.19 -3.31 27.66
CA ASP D 258 -27.36 -3.18 28.52
C ASP D 258 -27.00 -3.28 30.00
N ASP D 259 -26.16 -2.37 30.48
CA ASP D 259 -25.71 -2.36 31.87
C ASP D 259 -26.42 -1.24 32.61
N THR D 260 -27.06 -1.59 33.73
CA THR D 260 -27.77 -0.63 34.57
C THR D 260 -27.11 -0.53 35.94
N VAL D 261 -27.33 0.61 36.60
CA VAL D 261 -26.78 0.87 37.92
C VAL D 261 -27.90 1.33 38.84
N ALA D 262 -27.69 1.16 40.15
CA ALA D 262 -28.72 1.52 41.15
C ALA D 262 -28.89 3.05 41.20
N PRO D 263 -30.02 3.59 41.72
CA PRO D 263 -30.26 5.03 41.74
C PRO D 263 -29.02 5.81 42.19
N SER D 264 -28.41 5.40 43.29
CA SER D 264 -27.16 6.07 43.77
C SER D 264 -26.08 5.01 44.02
N SER D 265 -25.48 4.49 42.95
CA SER D 265 -24.46 3.41 43.09
C SER D 265 -23.14 3.83 42.45
N THR D 266 -22.19 2.90 42.35
CA THR D 266 -20.88 3.20 41.75
C THR D 266 -20.48 2.12 40.76
N PHE D 267 -20.47 2.40 39.46
CA PHE D 267 -20.21 1.40 38.43
C PHE D 267 -18.89 1.65 37.69
N SER D 268 -17.93 0.70 37.67
CA SER D 268 -16.71 0.81 36.85
C SER D 268 -16.37 -0.49 36.09
N LYS D 269 -16.05 -0.33 34.79
CA LYS D 269 -16.06 -1.39 33.77
C LYS D 269 -15.13 -1.05 32.61
N VAL D 270 -14.63 -2.06 31.91
CA VAL D 270 -13.90 -1.90 30.65
C VAL D 270 -14.64 -2.61 29.49
N TYR D 271 -14.68 -1.95 28.34
CA TYR D 271 -15.39 -2.30 27.09
C TYR D 271 -14.41 -2.48 25.92
N THR D 272 -15.00 -2.88 24.84
CA THR D 272 -14.11 -3.19 23.73
C THR D 272 -14.86 -3.02 22.41
N LEU D 273 -14.23 -2.29 21.48
CA LEU D 273 -14.80 -2.07 20.16
C LEU D 273 -13.70 -2.24 19.12
N THR D 274 -14.12 -2.58 17.89
CA THR D 274 -13.19 -2.77 16.78
C THR D 274 -13.92 -2.42 15.49
N PRO D 275 -13.55 -1.31 14.84
CA PRO D 275 -14.21 -0.95 13.57
C PRO D 275 -13.73 -1.84 12.43
N PHE D 276 -14.63 -2.14 11.50
CA PHE D 276 -14.29 -2.96 10.35
C PHE D 276 -15.26 -2.64 9.21
N LEU D 277 -14.86 -3.02 7.99
CA LEU D 277 -15.60 -2.59 6.81
C LEU D 277 -16.73 -3.55 6.46
N ALA D 278 -16.70 -4.78 6.99
CA ALA D 278 -17.67 -5.79 6.59
C ALA D 278 -19.10 -5.35 6.92
N ASN D 279 -19.31 -4.82 8.12
CA ASN D 279 -20.64 -4.35 8.50
C ASN D 279 -20.96 -3.01 7.85
N ASN D 280 -19.94 -2.19 7.64
CA ASN D 280 -20.16 -0.82 7.14
C ASN D 280 -20.28 -0.77 5.63
N ARG D 281 -20.14 -1.90 4.93
CA ARG D 281 -20.31 -1.91 3.48
C ARG D 281 -21.70 -1.44 3.08
N GLU D 282 -22.71 -1.67 3.93
CA GLU D 282 -24.06 -1.25 3.61
C GLU D 282 -24.17 0.27 3.51
N LYS D 283 -23.49 0.99 4.38
CA LYS D 283 -23.58 2.45 4.44
C LYS D 283 -22.98 3.07 3.17
N ARG D 284 -23.49 4.25 2.82
CA ARG D 284 -23.05 4.98 1.64
C ARG D 284 -22.49 6.33 2.05
N GLY D 285 -21.60 6.86 1.21
CA GLY D 285 -20.97 8.13 1.52
C GLY D 285 -19.89 8.05 2.56
N LEU D 286 -19.43 6.85 2.90
CA LEU D 286 -18.40 6.65 3.89
C LEU D 286 -17.03 6.64 3.22
N ALA D 287 -16.06 7.26 3.88
CA ALA D 287 -14.74 7.51 3.32
C ALA D 287 -13.85 6.28 3.42
N LEU D 288 -13.08 6.02 2.37
CA LEU D 288 -12.13 4.93 2.33
C LEU D 288 -10.80 5.45 1.79
N ASP D 289 -9.74 4.67 2.00
CA ASP D 289 -8.41 5.02 1.54
C ASP D 289 -8.35 5.03 0.01
N GLY D 290 -7.28 5.63 -0.51
CA GLY D 290 -7.09 5.78 -1.94
C GLY D 290 -7.04 4.45 -2.68
N LYS D 291 -7.78 4.38 -3.78
CA LYS D 291 -7.86 3.18 -4.60
C LYS D 291 -7.25 3.46 -5.97
N LEU D 292 -6.36 2.57 -6.41
CA LEU D 292 -5.79 2.71 -7.76
C LEU D 292 -6.84 2.38 -8.82
N LYS D 293 -7.45 1.20 -8.72
CA LYS D 293 -8.54 0.83 -9.64
C LYS D 293 -9.42 -0.22 -8.98
N HIS D 294 -10.57 0.22 -8.47
CA HIS D 294 -11.62 -0.66 -7.94
C HIS D 294 -11.08 -1.66 -6.92
N GLU D 295 -10.20 -1.21 -6.04
CA GLU D 295 -9.68 -2.09 -5.01
C GLU D 295 -10.53 -2.04 -3.75
N ASP D 296 -10.26 -2.95 -2.82
CA ASP D 296 -10.87 -2.93 -1.50
C ASP D 296 -9.88 -2.34 -0.51
N THR D 297 -10.32 -1.31 0.20
CA THR D 297 -9.43 -0.57 1.10
C THR D 297 -10.11 -0.38 2.43
N ASN D 298 -9.30 -0.14 3.45
CA ASN D 298 -9.78 0.07 4.80
C ASN D 298 -10.48 1.42 4.92
N LEU D 299 -11.01 1.69 6.11
CA LEU D 299 -11.61 2.99 6.39
C LEU D 299 -10.56 4.07 6.29
N ALA D 300 -10.98 5.25 5.82
CA ALA D 300 -10.04 6.34 5.57
C ALA D 300 -9.27 6.70 6.83
N SER D 301 -7.95 6.85 6.68
CA SER D 301 -7.11 7.19 7.81
C SER D 301 -7.33 8.64 8.22
N SER D 302 -6.91 8.97 9.44
CA SER D 302 -7.02 10.34 9.92
C SER D 302 -6.09 11.25 9.14
N THR D 303 -6.47 12.52 9.05
CA THR D 303 -5.70 13.53 8.33
C THR D 303 -4.96 14.39 9.35
N LEU D 304 -3.63 14.46 9.23
CA LEU D 304 -2.82 15.27 10.13
C LEU D 304 -2.64 16.65 9.51
N LEU D 305 -3.17 17.68 10.17
CA LEU D 305 -3.07 19.05 9.70
C LEU D 305 -1.93 19.75 10.41
N ARG D 306 -1.09 20.45 9.64
CA ARG D 306 0.09 21.09 10.21
C ARG D 306 -0.30 22.34 10.99
N GLU D 307 -0.13 22.30 12.30
CA GLU D 307 -0.31 23.42 13.21
C GLU D 307 -1.72 24.00 13.19
N GLY D 308 -2.68 23.29 12.62
CA GLY D 308 -4.04 23.77 12.58
C GLY D 308 -4.32 24.84 11.55
N ALA D 309 -3.38 25.11 10.64
CA ALA D 309 -3.55 26.10 9.59
C ALA D 309 -4.47 25.53 8.54
N ASN D 310 -5.78 25.69 8.76
CA ASN D 310 -6.79 25.11 7.89
C ASN D 310 -7.03 26.00 6.66
N ARG D 311 -5.97 26.16 5.87
CA ARG D 311 -6.05 26.87 4.61
C ARG D 311 -6.37 25.97 3.42
N GLU D 312 -6.43 24.65 3.63
CA GLU D 312 -6.76 23.73 2.56
C GLU D 312 -8.25 23.81 2.25
N ILE D 313 -8.57 24.03 0.97
CA ILE D 313 -9.95 24.19 0.54
C ILE D 313 -10.24 23.26 -0.64
N LEU D 314 -9.48 22.17 -0.75
CA LEU D 314 -9.60 21.31 -1.92
C LEU D 314 -10.42 20.05 -1.67
N GLY D 315 -10.09 19.28 -0.65
CA GLY D 315 -10.67 17.96 -0.53
C GLY D 315 -11.38 17.67 0.78
N ILE D 316 -11.06 16.52 1.38
CA ILE D 316 -11.77 16.02 2.55
C ILE D 316 -10.76 15.65 3.63
N ILE D 317 -11.12 15.90 4.88
CA ILE D 317 -10.31 15.55 6.03
C ILE D 317 -11.11 14.62 6.92
N VAL D 318 -10.46 13.57 7.42
CA VAL D 318 -11.11 12.50 8.16
C VAL D 318 -10.60 12.51 9.60
N SER D 319 -11.52 12.38 10.55
CA SER D 319 -11.16 12.29 11.96
C SER D 319 -12.13 11.32 12.64
N TYR D 320 -11.67 10.73 13.75
CA TYR D 320 -12.44 9.72 14.47
C TYR D 320 -12.62 10.13 15.92
N LYS D 321 -13.84 9.98 16.43
CA LYS D 321 -14.15 10.28 17.82
C LYS D 321 -15.09 9.21 18.38
N VAL D 322 -14.72 8.65 19.53
CA VAL D 322 -15.52 7.64 20.22
C VAL D 322 -16.59 8.34 21.05
N LYS D 323 -17.77 7.74 21.14
CA LYS D 323 -18.88 8.28 21.91
C LYS D 323 -19.29 7.29 23.00
N VAL D 324 -19.59 7.83 24.17
CA VAL D 324 -20.11 7.06 25.30
C VAL D 324 -21.34 7.77 25.82
N LYS D 325 -22.49 7.09 25.79
CA LYS D 325 -23.77 7.71 26.11
C LYS D 325 -24.48 6.89 27.18
N LEU D 326 -25.15 7.60 28.09
CA LEU D 326 -25.98 6.99 29.13
C LEU D 326 -27.39 7.55 29.03
N VAL D 327 -28.38 6.69 29.18
CA VAL D 327 -29.78 7.08 29.14
C VAL D 327 -30.43 6.71 30.47
N VAL D 328 -31.01 7.71 31.13
CA VAL D 328 -31.73 7.49 32.38
C VAL D 328 -33.18 7.15 32.08
N SER D 329 -33.88 6.59 33.07
CA SER D 329 -35.27 6.22 32.89
C SER D 329 -36.17 7.45 32.81
N VAL D 342 -27.00 12.34 28.88
CA VAL D 342 -25.64 12.83 28.96
C VAL D 342 -24.71 11.92 28.18
N ALA D 343 -23.66 12.48 27.59
CA ALA D 343 -22.73 11.71 26.78
C ALA D 343 -21.39 12.44 26.73
N VAL D 344 -20.32 11.65 26.60
CA VAL D 344 -18.97 12.17 26.45
C VAL D 344 -18.38 11.64 25.16
N GLU D 345 -17.49 12.43 24.55
CA GLU D 345 -16.84 12.06 23.29
C GLU D 345 -15.33 12.10 23.47
N LEU D 346 -14.68 11.03 23.06
CA LEU D 346 -13.23 10.88 23.21
C LEU D 346 -12.57 10.83 21.85
N PRO D 347 -11.72 11.80 21.49
CA PRO D 347 -11.09 11.78 20.17
C PRO D 347 -9.86 10.88 20.14
N PHE D 348 -9.57 10.36 18.95
CA PHE D 348 -8.38 9.54 18.73
C PHE D 348 -8.05 9.57 17.25
N THR D 349 -6.94 8.93 16.90
CA THR D 349 -6.47 8.87 15.52
C THR D 349 -6.41 7.41 15.07
N LEU D 350 -6.67 7.18 13.79
CA LEU D 350 -6.70 5.83 13.22
C LEU D 350 -5.89 5.86 11.92
N MET D 351 -4.70 5.28 11.94
CA MET D 351 -3.82 5.28 10.78
C MET D 351 -2.81 4.17 10.90
N HIS D 352 -2.22 3.79 9.76
CA HIS D 352 -1.26 2.71 9.73
C HIS D 352 0.07 3.14 10.34
N PRO D 353 0.84 2.19 10.87
CA PRO D 353 2.18 2.53 11.37
C PRO D 353 3.17 2.69 10.23
N LYS D 354 4.32 3.28 10.56
CA LYS D 354 5.36 3.51 9.57
C LYS D 354 6.03 2.20 9.21
N PRO D 355 6.05 1.79 7.93
CA PRO D 355 6.69 0.56 7.47
C PRO D 355 8.19 0.53 7.75
N THR E 29 36.65 32.40 -41.69
CA THR E 29 36.13 31.49 -40.67
C THR E 29 34.62 31.30 -40.83
N PHE E 30 34.01 30.66 -39.84
CA PHE E 30 32.57 30.41 -39.85
C PHE E 30 32.07 30.28 -38.42
N VAL E 31 31.02 31.03 -38.11
CA VAL E 31 30.42 31.00 -36.78
C VAL E 31 29.01 31.57 -36.90
N ALA E 32 28.13 31.14 -35.99
CA ALA E 32 26.74 31.57 -36.00
C ALA E 32 26.27 31.86 -34.58
N LEU E 33 25.30 32.76 -34.46
CA LEU E 33 24.73 33.11 -33.16
C LEU E 33 23.32 33.61 -33.38
N TYR E 34 22.49 33.47 -32.34
CA TYR E 34 21.10 33.89 -32.42
C TYR E 34 20.74 34.66 -31.16
N ASP E 35 19.76 35.55 -31.28
CA ASP E 35 19.33 36.36 -30.15
C ASP E 35 18.54 35.52 -29.15
N TYR E 36 18.90 35.64 -27.87
CA TYR E 36 18.21 34.93 -26.80
C TYR E 36 18.54 35.60 -25.48
N GLU E 37 17.51 35.79 -24.64
CA GLU E 37 17.72 36.45 -23.35
C GLU E 37 16.96 35.77 -22.22
N SER E 38 16.61 34.49 -22.34
CA SER E 38 15.87 33.82 -21.28
C SER E 38 16.72 33.57 -20.05
N CYS E 39 18.02 33.26 -20.23
CA CYS E 39 18.90 33.00 -19.10
C CYS E 39 20.23 33.69 -19.36
N THR E 40 20.99 33.90 -18.27
CA THR E 40 22.27 34.60 -18.33
C THR E 40 22.13 35.99 -18.92
N GLU E 41 21.38 36.86 -18.22
CA GLU E 41 21.12 38.20 -18.70
C GLU E 41 22.34 39.11 -18.65
N THR E 42 23.44 38.67 -18.05
CA THR E 42 24.63 39.51 -17.96
C THR E 42 25.20 39.87 -19.33
N ASP E 43 25.26 38.91 -20.26
CA ASP E 43 25.71 39.19 -21.60
C ASP E 43 25.00 38.30 -22.62
N LEU E 44 23.91 38.80 -23.19
CA LEU E 44 23.13 38.03 -24.16
C LEU E 44 22.26 39.01 -24.95
N SER E 45 21.32 38.47 -25.73
CA SER E 45 20.33 39.23 -26.48
C SER E 45 20.95 40.14 -27.53
N PHE E 46 22.12 39.80 -28.06
CA PHE E 46 22.74 40.59 -29.10
C PHE E 46 22.11 40.26 -30.46
N LYS E 47 22.41 41.09 -31.45
CA LYS E 47 21.92 40.86 -32.81
C LYS E 47 22.57 39.62 -33.40
N LYS E 48 21.84 38.96 -34.31
CA LYS E 48 22.30 37.72 -34.91
C LYS E 48 22.93 37.97 -36.27
N GLY E 49 23.86 37.10 -36.64
CA GLY E 49 24.48 37.16 -37.95
C GLY E 49 25.48 38.28 -38.14
N GLU E 50 26.09 38.76 -37.06
CA GLU E 50 27.07 39.83 -37.19
C GLU E 50 28.34 39.33 -37.87
N ARG E 51 29.11 40.27 -38.42
CA ARG E 51 30.36 39.92 -39.08
C ARG E 51 31.38 39.35 -38.10
N LEU E 52 31.43 39.89 -36.88
CA LEU E 52 32.32 39.38 -35.85
C LEU E 52 31.91 37.97 -35.49
N GLN E 53 32.81 37.01 -35.70
CA GLN E 53 32.50 35.61 -35.45
C GLN E 53 32.20 35.38 -33.98
N ILE E 54 31.26 34.45 -33.72
CA ILE E 54 30.91 34.10 -32.35
C ILE E 54 32.12 33.51 -31.63
N VAL E 55 32.20 33.77 -30.33
CA VAL E 55 33.31 33.28 -29.53
C VAL E 55 33.34 31.76 -29.47
N ASN E 56 32.18 31.10 -29.65
CA ASN E 56 32.12 29.65 -29.63
C ASN E 56 30.95 29.22 -30.51
N ASN E 57 31.26 28.65 -31.67
CA ASN E 57 30.25 28.21 -32.62
C ASN E 57 29.85 26.76 -32.38
N GLY E 60 27.93 23.71 -30.41
CA GLY E 60 27.41 22.47 -29.87
C GLY E 60 26.38 22.68 -28.78
N ASP E 61 26.60 22.04 -27.63
CA ASP E 61 25.68 22.19 -26.51
C ASP E 61 25.66 23.60 -25.95
N TRP E 62 26.81 24.28 -25.95
CA TRP E 62 26.89 25.66 -25.48
C TRP E 62 27.63 26.49 -26.52
N TRP E 63 27.19 27.74 -26.66
CA TRP E 63 27.77 28.65 -27.63
C TRP E 63 28.05 29.99 -26.96
N LEU E 64 29.07 30.68 -27.46
CA LEU E 64 29.45 31.99 -26.96
C LEU E 64 29.65 32.93 -28.15
N ALA E 65 29.34 34.22 -27.92
CA ALA E 65 29.43 35.22 -28.97
C ALA E 65 29.81 36.56 -28.36
N HIS E 66 30.30 37.46 -29.21
CA HIS E 66 30.74 38.78 -28.79
C HIS E 66 29.55 39.72 -28.68
N SER E 67 29.81 40.93 -28.17
CA SER E 67 28.79 41.95 -28.00
C SER E 67 28.62 42.75 -29.28
N LEU E 68 27.67 43.68 -29.24
CA LEU E 68 27.36 44.48 -30.43
C LEU E 68 28.49 45.43 -30.79
N THR E 69 29.01 46.20 -29.81
CA THR E 69 30.04 47.19 -30.14
C THR E 69 31.16 47.25 -29.10
N THR E 70 31.46 46.15 -28.41
CA THR E 70 32.50 46.16 -27.40
C THR E 70 33.16 44.80 -27.35
N GLY E 71 34.35 44.75 -26.77
CA GLY E 71 35.09 43.52 -26.64
C GLY E 71 34.63 42.64 -25.49
N GLN E 72 33.32 42.44 -25.41
CA GLN E 72 32.72 41.60 -24.38
C GLN E 72 32.07 40.39 -25.02
N THR E 73 32.27 39.22 -24.43
CA THR E 73 31.76 37.97 -24.95
C THR E 73 30.62 37.45 -24.09
N GLY E 74 29.52 37.07 -24.74
CA GLY E 74 28.37 36.50 -24.07
C GLY E 74 28.12 35.08 -24.54
N TYR E 75 27.57 34.27 -23.64
CA TYR E 75 27.37 32.85 -23.93
C TYR E 75 25.96 32.44 -23.55
N ILE E 76 25.47 31.42 -24.23
CA ILE E 76 24.13 30.86 -23.98
C ILE E 76 24.11 29.43 -24.50
N PRO E 77 23.35 28.53 -23.87
CA PRO E 77 23.27 27.15 -24.38
C PRO E 77 22.61 27.10 -25.75
N SER E 78 23.05 26.14 -26.56
CA SER E 78 22.55 26.00 -27.91
C SER E 78 22.29 24.55 -28.34
N ASN E 79 22.00 23.64 -27.41
CA ASN E 79 21.78 22.25 -27.76
C ASN E 79 20.35 21.97 -28.22
N TYR E 80 19.46 22.97 -28.17
CA TYR E 80 18.07 22.73 -28.53
C TYR E 80 17.91 22.51 -30.03
N VAL E 81 18.52 23.36 -30.85
CA VAL E 81 18.38 23.28 -32.30
C VAL E 81 19.59 23.95 -32.95
N ALA E 82 19.83 23.64 -34.21
CA ALA E 82 20.93 24.26 -34.92
C ALA E 82 20.69 25.77 -35.06
N PRO E 83 21.72 26.59 -34.84
CA PRO E 83 21.52 28.04 -34.93
C PRO E 83 21.20 28.49 -36.35
N SER E 84 20.42 29.56 -36.44
CA SER E 84 20.02 30.13 -37.73
C SER E 84 20.72 31.46 -37.91
N ASP E 85 21.90 31.43 -38.52
CA ASP E 85 22.68 32.64 -38.77
C ASP E 85 23.72 32.41 -39.86
#